data_3AC8
#
_entry.id   3AC8
#
_cell.length_a   42.261
_cell.length_b   73.766
_cell.length_c   93.010
_cell.angle_alpha   90.00
_cell.angle_beta   90.00
_cell.angle_gamma   90.00
#
_symmetry.space_group_name_H-M   'P 21 21 21'
#
loop_
_entity.id
_entity.type
_entity.pdbx_description
1 polymer 'Proto-oncogene tyrosine-protein kinase LCK'
2 non-polymer 'SULFATE ION'
3 non-polymer 7-[(2-amino-2-methylpropyl)amino]-5-cyclopropyl-2-[(3,5-dimethoxyphenyl)amino]pyrazolo[1,5-a]pyrimidine-3-carboxamide
4 water water
#
_entity_poly.entity_id   1
_entity_poly.type   'polypeptide(L)'
_entity_poly.pdbx_seq_one_letter_code
;QTQKPQKPWWEDEWEVPRETLKLVERLGAGQFGEVWMGYYNGHTKVAVKSLKQGSMSPDAFLAEANLMKQLQHQRLVRLY
AVVTQEPIYIITEYMENGSLVDFLKTPSGIKLTINKLLDMAAQIAEGMAFIEERNYIHRDLRAANILVSDTLSCKIADFG
LARLIEDNE(PTR)TAREGAKFPIKWTAPEAINYGTFTIKSDVWSFGILLTEIVTHGRIPYPGMTNPEVIQNLERGYRMV
RPDNCPEELYQLMRLCWKERPEDRPTFDYLRSVLEDFFTATEGQYQPQP
;
_entity_poly.pdbx_strand_id   A
#
loop_
_chem_comp.id
_chem_comp.type
_chem_comp.name
_chem_comp.formula
KSK non-polymer 7-[(2-amino-2-methylpropyl)amino]-5-cyclopropyl-2-[(3,5-dimethoxyphenyl)amino]pyrazolo[1,5-a]pyrimidine-3-carboxamide 'C22 H29 N7 O3'
SO4 non-polymer 'SULFATE ION' 'O4 S -2'
#
# COMPACT_ATOMS: atom_id res chain seq x y z
N LYS A 7 0.04 -26.40 4.52
CA LYS A 7 -0.89 -27.48 4.99
C LYS A 7 -2.03 -27.74 3.99
N PRO A 8 -2.48 -29.00 3.92
CA PRO A 8 -3.63 -29.36 3.09
C PRO A 8 -4.89 -28.62 3.54
N TRP A 9 -5.78 -28.30 2.61
CA TRP A 9 -6.98 -27.55 2.94
C TRP A 9 -7.74 -28.09 4.14
N TRP A 10 -7.68 -29.41 4.37
CA TRP A 10 -8.41 -30.02 5.48
C TRP A 10 -7.78 -29.81 6.86
N GLU A 11 -6.53 -29.38 6.89
CA GLU A 11 -5.89 -29.02 8.15
C GLU A 11 -5.65 -27.52 8.26
N ASP A 12 -5.93 -26.82 7.16
CA ASP A 12 -5.68 -25.39 7.07
C ASP A 12 -6.58 -24.57 7.99
N GLU A 13 -5.96 -23.92 8.98
CA GLU A 13 -6.66 -23.01 9.88
C GLU A 13 -7.31 -21.82 9.15
N TRP A 14 -6.86 -21.55 7.93
CA TRP A 14 -7.38 -20.42 7.17
C TRP A 14 -8.51 -20.76 6.21
N GLU A 15 -8.60 -22.01 5.80
CA GLU A 15 -9.72 -22.44 4.95
C GLU A 15 -11.04 -22.33 5.72
N VAL A 16 -12.06 -21.78 5.06
CA VAL A 16 -13.39 -21.76 5.63
C VAL A 16 -14.37 -22.31 4.60
N PRO A 17 -15.46 -22.94 5.08
CA PRO A 17 -16.53 -23.37 4.19
C PRO A 17 -17.22 -22.17 3.57
N ARG A 18 -17.56 -22.27 2.28
CA ARG A 18 -18.10 -21.15 1.53
C ARG A 18 -19.45 -20.60 2.04
N GLU A 19 -20.24 -21.43 2.70
CA GLU A 19 -21.55 -21.00 3.18
C GLU A 19 -21.46 -19.99 4.31
N THR A 20 -20.35 -20.02 5.05
CA THR A 20 -20.10 -19.06 6.12
C THR A 20 -20.03 -17.63 5.59
N LEU A 21 -19.99 -17.47 4.27
CA LEU A 21 -19.79 -16.16 3.68
C LEU A 21 -21.00 -15.66 2.91
N LYS A 22 -21.22 -14.35 2.95
CA LYS A 22 -22.29 -13.76 2.16
C LYS A 22 -21.83 -12.45 1.53
N LEU A 23 -21.50 -12.52 0.24
CA LEU A 23 -21.18 -11.32 -0.53
C LEU A 23 -22.43 -10.46 -0.64
N VAL A 24 -22.33 -9.22 -0.17
CA VAL A 24 -23.49 -8.34 -0.12
C VAL A 24 -23.38 -7.21 -1.14
N GLU A 25 -22.24 -6.53 -1.15
CA GLU A 25 -22.07 -5.38 -2.03
C GLU A 25 -20.73 -5.45 -2.77
N ARG A 26 -20.78 -5.47 -4.09
CA ARG A 26 -19.57 -5.44 -4.89
C ARG A 26 -18.98 -4.04 -4.90
N LEU A 27 -17.73 -3.93 -4.43
CA LEU A 27 -17.06 -2.65 -4.32
C LEU A 27 -16.30 -2.32 -5.59
N GLY A 28 -15.62 -3.32 -6.15
CA GLY A 28 -14.85 -3.14 -7.38
C GLY A 28 -14.85 -4.37 -8.28
N ALA A 29 -14.51 -4.15 -9.56
CA ALA A 29 -14.37 -5.24 -10.50
C ALA A 29 -13.31 -4.91 -11.55
N GLY A 30 -12.59 -5.92 -11.99
CA GLY A 30 -11.53 -5.73 -12.96
C GLY A 30 -11.14 -7.00 -13.69
N GLN A 31 -10.02 -6.92 -14.40
CA GLN A 31 -9.56 -8.02 -15.26
C GLN A 31 -9.39 -9.32 -14.49
N PHE A 32 -9.00 -9.22 -13.22
CA PHE A 32 -8.55 -10.38 -12.47
C PHE A 32 -9.53 -10.86 -11.39
N GLY A 33 -10.61 -10.09 -11.18
CA GLY A 33 -11.61 -10.49 -10.21
C GLY A 33 -12.41 -9.34 -9.63
N GLU A 34 -13.12 -9.63 -8.53
CA GLU A 34 -14.01 -8.66 -7.90
C GLU A 34 -13.70 -8.49 -6.41
N VAL A 35 -14.12 -7.34 -5.86
CA VAL A 35 -13.99 -7.07 -4.44
C VAL A 35 -15.38 -6.76 -3.85
N TRP A 36 -15.76 -7.51 -2.83
CA TRP A 36 -17.08 -7.37 -2.23
C TRP A 36 -17.00 -6.98 -0.76
N MET A 37 -17.99 -6.23 -0.30
CA MET A 37 -18.31 -6.20 1.13
C MET A 37 -19.23 -7.40 1.42
N GLY A 38 -18.99 -8.08 2.54
CA GLY A 38 -19.75 -9.27 2.87
C GLY A 38 -19.81 -9.53 4.36
N TYR A 39 -20.48 -10.61 4.74
CA TYR A 39 -20.59 -11.00 6.15
C TYR A 39 -20.09 -12.43 6.33
N TYR A 40 -19.31 -12.65 7.38
CA TYR A 40 -18.92 -13.99 7.78
C TYR A 40 -19.79 -14.42 8.95
N ASN A 41 -20.32 -15.63 8.88
CA ASN A 41 -21.19 -16.15 9.93
C ASN A 41 -22.22 -15.14 10.45
N GLY A 42 -22.75 -14.33 9.52
CA GLY A 42 -23.85 -13.44 9.84
C GLY A 42 -23.49 -12.04 10.31
N HIS A 43 -22.55 -11.95 11.25
CA HIS A 43 -22.39 -10.75 12.07
C HIS A 43 -21.12 -9.94 11.78
N THR A 44 -20.17 -10.56 11.09
CA THR A 44 -18.85 -9.96 10.90
C THR A 44 -18.61 -9.44 9.50
N LYS A 45 -18.53 -8.13 9.36
CA LYS A 45 -18.25 -7.47 8.09
C LYS A 45 -16.87 -7.89 7.61
N VAL A 46 -16.78 -8.29 6.34
CA VAL A 46 -15.50 -8.69 5.76
C VAL A 46 -15.41 -8.22 4.32
N ALA A 47 -14.18 -8.05 3.85
CA ALA A 47 -13.94 -7.86 2.43
C ALA A 47 -13.66 -9.22 1.79
N VAL A 48 -14.20 -9.46 0.60
CA VAL A 48 -13.96 -10.71 -0.12
C VAL A 48 -13.40 -10.44 -1.51
N LYS A 49 -12.14 -10.83 -1.73
CA LYS A 49 -11.56 -10.84 -3.07
C LYS A 49 -11.83 -12.16 -3.74
N SER A 50 -12.46 -12.12 -4.91
CA SER A 50 -12.73 -13.35 -5.67
C SER A 50 -12.05 -13.31 -7.03
N LEU A 51 -11.46 -14.44 -7.42
CA LEU A 51 -10.69 -14.54 -8.65
C LEU A 51 -11.60 -14.80 -9.86
N LYS A 52 -11.38 -14.06 -10.93
CA LYS A 52 -12.02 -14.34 -12.20
C LYS A 52 -11.40 -15.61 -12.80
N GLN A 53 -12.19 -16.66 -12.89
CA GLN A 53 -11.69 -17.94 -13.39
C GLN A 53 -11.08 -17.80 -14.78
N GLY A 54 -9.81 -18.15 -14.90
CA GLY A 54 -9.12 -18.16 -16.19
C GLY A 54 -8.24 -16.95 -16.40
N SER A 55 -8.47 -15.89 -15.63
CA SER A 55 -7.68 -14.68 -15.73
C SER A 55 -6.25 -14.90 -15.25
N MET A 56 -6.12 -15.67 -14.17
CA MET A 56 -4.81 -16.06 -13.66
C MET A 56 -4.95 -17.39 -12.91
N SER A 57 -3.84 -18.08 -12.71
CA SER A 57 -3.89 -19.36 -12.00
C SER A 57 -4.26 -19.12 -10.55
N PRO A 58 -4.98 -20.07 -9.93
CA PRO A 58 -5.38 -19.96 -8.52
C PRO A 58 -4.17 -19.84 -7.60
N ASP A 59 -3.09 -20.54 -7.92
CA ASP A 59 -1.85 -20.47 -7.14
C ASP A 59 -1.27 -19.06 -7.19
N ALA A 60 -1.38 -18.42 -8.35
CA ALA A 60 -0.94 -17.04 -8.53
C ALA A 60 -1.77 -16.12 -7.64
N PHE A 61 -3.08 -16.33 -7.67
CA PHE A 61 -4.03 -15.55 -6.86
C PHE A 61 -3.76 -15.76 -5.38
N LEU A 62 -3.75 -17.02 -4.95
CA LEU A 62 -3.65 -17.37 -3.53
C LEU A 62 -2.36 -16.90 -2.86
N ALA A 63 -1.32 -16.66 -3.66
CA ALA A 63 -0.03 -16.23 -3.13
C ALA A 63 -0.13 -14.90 -2.35
N GLU A 64 -1.18 -14.13 -2.61
CA GLU A 64 -1.44 -12.91 -1.85
C GLU A 64 -1.77 -13.26 -0.40
N ALA A 65 -2.62 -14.25 -0.21
CA ALA A 65 -3.06 -14.67 1.12
C ALA A 65 -1.94 -15.35 1.91
N ASN A 66 -0.99 -15.96 1.20
CA ASN A 66 0.19 -16.53 1.85
C ASN A 66 1.20 -15.47 2.28
N LEU A 67 1.37 -14.43 1.49
CA LEU A 67 2.17 -13.29 1.90
C LEU A 67 1.56 -12.59 3.13
N MET A 68 0.24 -12.39 3.11
CA MET A 68 -0.44 -11.74 4.23
C MET A 68 -0.33 -12.54 5.53
N LYS A 69 -0.41 -13.87 5.43
CA LYS A 69 -0.20 -14.76 6.58
C LYS A 69 1.09 -14.44 7.34
N GLN A 70 2.10 -13.98 6.62
CA GLN A 70 3.43 -13.71 7.17
C GLN A 70 3.57 -12.31 7.72
N LEU A 71 2.63 -11.45 7.36
CA LEU A 71 2.67 -10.05 7.77
C LEU A 71 1.42 -9.69 8.58
N GLN A 72 1.42 -10.09 9.85
CA GLN A 72 0.31 -9.79 10.75
C GLN A 72 0.66 -8.69 11.75
N HIS A 73 -0.12 -7.62 11.74
CA HIS A 73 0.15 -6.44 12.54
C HIS A 73 -1.04 -5.49 12.44
N GLN A 74 -1.37 -4.81 13.54
CA GLN A 74 -2.51 -3.90 13.55
C GLN A 74 -2.47 -2.89 12.38
N ARG A 75 -1.28 -2.52 11.93
CA ARG A 75 -1.16 -1.51 10.88
C ARG A 75 -1.21 -2.05 9.45
N LEU A 76 -1.39 -3.35 9.31
CA LEU A 76 -1.56 -3.96 7.98
C LEU A 76 -2.92 -4.64 7.94
N VAL A 77 -3.54 -4.69 6.77
CA VAL A 77 -4.86 -5.32 6.66
C VAL A 77 -4.79 -6.82 6.94
N ARG A 78 -5.60 -7.27 7.91
CA ARG A 78 -5.49 -8.62 8.44
C ARG A 78 -6.17 -9.68 7.57
N LEU A 79 -5.41 -10.73 7.24
CA LEU A 79 -5.97 -11.89 6.58
C LEU A 79 -6.98 -12.62 7.47
N TYR A 80 -8.05 -13.11 6.86
CA TYR A 80 -9.12 -13.75 7.61
C TYR A 80 -9.20 -15.24 7.29
N ALA A 81 -9.33 -15.54 6.00
CA ALA A 81 -9.60 -16.90 5.56
C ALA A 81 -9.40 -17.00 4.07
N VAL A 82 -9.46 -18.22 3.56
CA VAL A 82 -9.47 -18.48 2.12
C VAL A 82 -10.50 -19.56 1.80
N VAL A 83 -11.05 -19.52 0.59
CA VAL A 83 -11.75 -20.67 0.03
C VAL A 83 -10.94 -21.10 -1.18
N THR A 84 -10.44 -22.34 -1.16
CA THR A 84 -9.48 -22.79 -2.17
C THR A 84 -10.04 -23.75 -3.21
N GLN A 85 -11.38 -23.83 -3.29
CA GLN A 85 -12.02 -24.46 -4.43
C GLN A 85 -12.81 -23.41 -5.19
N GLU A 86 -12.72 -23.43 -6.52
CA GLU A 86 -13.32 -22.40 -7.36
C GLU A 86 -14.81 -22.22 -7.08
N PRO A 87 -15.29 -20.95 -7.06
CA PRO A 87 -14.46 -19.75 -7.26
C PRO A 87 -13.56 -19.47 -6.06
N ILE A 88 -12.29 -19.17 -6.31
CA ILE A 88 -11.30 -18.91 -5.26
C ILE A 88 -11.59 -17.58 -4.55
N TYR A 89 -11.65 -17.61 -3.22
CA TYR A 89 -11.82 -16.39 -2.43
C TYR A 89 -10.62 -16.11 -1.52
N ILE A 90 -10.28 -14.82 -1.39
CA ILE A 90 -9.44 -14.34 -0.30
C ILE A 90 -10.29 -13.41 0.56
N ILE A 91 -10.33 -13.69 1.86
CA ILE A 91 -11.21 -12.97 2.79
C ILE A 91 -10.35 -12.23 3.81
N THR A 92 -10.69 -10.98 4.09
CA THR A 92 -9.86 -10.17 5.00
C THR A 92 -10.64 -9.20 5.87
N GLU A 93 -9.94 -8.61 6.84
CA GLU A 93 -10.39 -7.40 7.53
C GLU A 93 -11.06 -6.40 6.59
N TYR A 94 -12.20 -5.87 7.04
CA TYR A 94 -12.98 -4.90 6.27
C TYR A 94 -12.71 -3.45 6.71
N MET A 95 -12.41 -2.58 5.75
CA MET A 95 -12.14 -1.17 6.05
C MET A 95 -13.22 -0.24 5.49
N GLU A 96 -13.97 0.40 6.38
CA GLU A 96 -15.21 1.10 6.01
C GLU A 96 -15.06 2.39 5.21
N ASN A 97 -13.88 3.01 5.27
CA ASN A 97 -13.67 4.25 4.54
C ASN A 97 -12.88 4.08 3.24
N GLY A 98 -12.73 2.84 2.80
CA GLY A 98 -12.10 2.56 1.50
C GLY A 98 -10.65 2.97 1.38
N SER A 99 -10.22 3.27 0.14
CA SER A 99 -8.84 3.65 -0.12
C SER A 99 -8.53 5.09 0.30
N LEU A 100 -7.32 5.32 0.79
CA LEU A 100 -6.89 6.65 1.23
C LEU A 100 -7.12 7.72 0.17
N VAL A 101 -6.70 7.44 -1.07
CA VAL A 101 -6.79 8.43 -2.15
C VAL A 101 -8.24 8.83 -2.49
N ASP A 102 -9.18 7.88 -2.39
CA ASP A 102 -10.60 8.20 -2.51
C ASP A 102 -11.16 8.95 -1.30
N PHE A 103 -10.80 8.52 -0.09
CA PHE A 103 -11.34 9.10 1.14
C PHE A 103 -10.96 10.57 1.34
N LEU A 104 -9.77 10.93 0.88
CA LEU A 104 -9.29 12.30 0.98
C LEU A 104 -10.08 13.27 0.08
N LYS A 105 -10.89 12.71 -0.80
CA LYS A 105 -11.70 13.52 -1.71
C LYS A 105 -13.15 13.68 -1.22
N THR A 106 -13.53 12.88 -0.23
CA THR A 106 -14.87 12.96 0.36
C THR A 106 -14.98 14.15 1.32
N PRO A 107 -16.19 14.66 1.53
CA PRO A 107 -16.46 15.76 2.46
C PRO A 107 -15.70 15.63 3.79
N SER A 108 -15.73 14.44 4.38
CA SER A 108 -14.92 14.16 5.58
C SER A 108 -13.46 14.44 5.28
N GLY A 109 -12.92 13.75 4.27
CA GLY A 109 -11.51 13.85 3.96
C GLY A 109 -11.05 15.28 3.82
N ILE A 110 -11.86 16.08 3.12
CA ILE A 110 -11.52 17.48 2.85
C ILE A 110 -11.44 18.32 4.12
N LYS A 111 -12.23 17.93 5.13
CA LYS A 111 -12.27 18.69 6.39
C LYS A 111 -11.13 18.37 7.36
N LEU A 112 -10.26 17.43 7.00
CA LEU A 112 -9.16 17.01 7.89
C LEU A 112 -8.08 18.07 8.02
N THR A 113 -7.61 18.29 9.23
CA THR A 113 -6.48 19.20 9.45
C THR A 113 -5.17 18.60 8.95
N ILE A 114 -4.14 19.43 8.83
CA ILE A 114 -2.81 18.95 8.47
C ILE A 114 -2.28 18.04 9.58
N ASN A 115 -2.80 18.27 10.78
CA ASN A 115 -2.37 17.53 11.95
C ASN A 115 -2.81 16.07 11.86
N LYS A 116 -4.08 15.86 11.51
CA LYS A 116 -4.60 14.50 11.30
C LYS A 116 -3.97 13.87 10.07
N LEU A 117 -3.72 14.67 9.04
CA LEU A 117 -2.99 14.21 7.86
C LEU A 117 -1.62 13.64 8.25
N LEU A 118 -0.89 14.37 9.10
CA LEU A 118 0.40 13.91 9.59
C LEU A 118 0.26 12.67 10.46
N ASP A 119 -0.77 12.63 11.30
CA ASP A 119 -1.13 11.43 12.05
C ASP A 119 -1.19 10.21 11.13
N MET A 120 -1.95 10.33 10.04
CA MET A 120 -2.10 9.22 9.09
C MET A 120 -0.77 8.87 8.40
N ALA A 121 0.02 9.87 8.05
CA ALA A 121 1.35 9.63 7.49
C ALA A 121 2.16 8.76 8.45
N ALA A 122 2.11 9.10 9.73
CA ALA A 122 2.88 8.36 10.73
C ALA A 122 2.38 6.92 10.83
N GLN A 123 1.07 6.73 10.86
CA GLN A 123 0.48 5.40 10.85
C GLN A 123 0.95 4.54 9.68
N ILE A 124 0.94 5.09 8.48
CA ILE A 124 1.43 4.34 7.32
C ILE A 124 2.91 3.98 7.43
N ALA A 125 3.72 4.94 7.90
CA ALA A 125 5.13 4.70 8.17
C ALA A 125 5.35 3.65 9.27
N GLU A 126 4.50 3.68 10.29
CA GLU A 126 4.50 2.66 11.35
C GLU A 126 4.32 1.26 10.80
N GLY A 127 3.38 1.10 9.87
CA GLY A 127 3.15 -0.19 9.20
C GLY A 127 4.29 -0.64 8.30
N MET A 128 4.89 0.31 7.58
CA MET A 128 6.05 -0.01 6.74
C MET A 128 7.30 -0.29 7.60
N ALA A 129 7.32 0.22 8.83
CA ALA A 129 8.39 -0.10 9.77
C ALA A 129 8.33 -1.57 10.18
N PHE A 130 7.12 -2.12 10.25
CA PHE A 130 6.91 -3.54 10.60
C PHE A 130 7.29 -4.45 9.43
N ILE A 131 6.89 -4.06 8.23
CA ILE A 131 7.25 -4.79 7.03
C ILE A 131 8.77 -4.86 6.92
N GLU A 132 9.42 -3.71 7.07
CA GLU A 132 10.87 -3.57 6.97
C GLU A 132 11.63 -4.51 7.90
N GLU A 133 11.21 -4.56 9.17
CA GLU A 133 11.88 -5.39 10.15
C GLU A 133 11.59 -6.88 9.92
N ARG A 134 10.52 -7.19 9.18
CA ARG A 134 10.16 -8.58 8.89
C ARG A 134 10.92 -9.05 7.67
N ASN A 135 11.77 -8.17 7.16
CA ASN A 135 12.53 -8.41 5.93
C ASN A 135 11.70 -8.56 4.66
N TYR A 136 10.59 -7.83 4.60
CA TYR A 136 9.79 -7.76 3.40
C TYR A 136 9.96 -6.41 2.70
N ILE A 137 9.53 -6.37 1.44
CA ILE A 137 9.29 -5.12 0.74
C ILE A 137 7.86 -5.19 0.20
N HIS A 138 7.26 -4.02 -0.06
CA HIS A 138 5.89 -3.97 -0.54
C HIS A 138 5.84 -3.86 -2.06
N ARG A 139 6.66 -2.97 -2.60
CA ARG A 139 6.81 -2.78 -4.05
C ARG A 139 5.69 -2.00 -4.75
N ASP A 140 4.54 -1.83 -4.09
CA ASP A 140 3.50 -0.96 -4.64
C ASP A 140 2.87 -0.05 -3.60
N LEU A 141 3.71 0.65 -2.85
CA LEU A 141 3.27 1.60 -1.83
C LEU A 141 2.81 2.91 -2.48
N ARG A 142 1.59 3.31 -2.14
CA ARG A 142 0.95 4.49 -2.75
C ARG A 142 -0.43 4.64 -2.11
N ALA A 143 -1.02 5.82 -2.21
CA ALA A 143 -2.28 6.10 -1.51
C ALA A 143 -3.45 5.19 -1.91
N ALA A 144 -3.50 4.79 -3.17
CA ALA A 144 -4.52 3.84 -3.64
C ALA A 144 -4.45 2.50 -2.91
N ASN A 145 -3.31 2.22 -2.27
CA ASN A 145 -3.12 0.95 -1.60
C ASN A 145 -3.12 1.08 -0.08
N ILE A 146 -3.53 2.24 0.40
CA ILE A 146 -3.75 2.46 1.81
C ILE A 146 -5.26 2.51 2.02
N LEU A 147 -5.73 1.76 3.01
CA LEU A 147 -7.15 1.72 3.32
C LEU A 147 -7.42 2.45 4.63
N VAL A 148 -8.65 2.90 4.80
CA VAL A 148 -9.03 3.68 5.97
C VAL A 148 -10.17 3.01 6.73
N SER A 149 -10.05 3.02 8.05
CA SER A 149 -11.05 2.41 8.92
C SER A 149 -12.15 3.39 9.28
N ASP A 150 -13.18 2.88 9.95
CA ASP A 150 -14.26 3.71 10.46
C ASP A 150 -13.82 4.69 11.54
N THR A 151 -12.64 4.48 12.13
CA THR A 151 -12.11 5.40 13.14
C THR A 151 -11.00 6.30 12.60
N LEU A 152 -10.97 6.45 11.28
CA LEU A 152 -9.88 7.16 10.59
C LEU A 152 -8.51 6.61 10.96
N SER A 153 -8.41 5.29 10.96
CA SER A 153 -7.15 4.55 11.04
C SER A 153 -6.70 4.15 9.64
N CYS A 154 -5.39 4.02 9.45
CA CYS A 154 -4.83 3.65 8.16
C CYS A 154 -4.15 2.29 8.22
N LYS A 155 -4.34 1.49 7.17
CA LYS A 155 -3.65 0.22 7.04
C LYS A 155 -3.15 -0.03 5.61
N ILE A 156 -1.99 -0.69 5.52
CA ILE A 156 -1.40 -1.06 4.25
C ILE A 156 -2.14 -2.28 3.70
N ALA A 157 -2.26 -2.34 2.38
CA ALA A 157 -3.05 -3.40 1.73
C ALA A 157 -2.46 -3.72 0.36
N ASP A 158 -3.09 -4.66 -0.34
CA ASP A 158 -2.64 -5.08 -1.67
C ASP A 158 -1.19 -5.62 -1.67
N PHE A 159 -1.02 -6.80 -1.10
CA PHE A 159 0.31 -7.39 -0.89
C PHE A 159 0.77 -8.30 -2.03
N GLY A 160 0.09 -8.25 -3.16
CA GLY A 160 0.39 -9.13 -4.28
C GLY A 160 1.82 -9.08 -4.80
N LEU A 161 2.47 -7.93 -4.68
CA LEU A 161 3.84 -7.79 -5.18
C LEU A 161 4.88 -7.92 -4.07
N ALA A 162 4.43 -7.94 -2.82
CA ALA A 162 5.34 -8.09 -1.68
C ALA A 162 6.23 -9.32 -1.80
N ARG A 163 7.47 -9.19 -1.33
CA ARG A 163 8.46 -10.26 -1.45
C ARG A 163 9.32 -10.36 -0.21
N LEU A 164 9.66 -11.58 0.19
CA LEU A 164 10.65 -11.81 1.23
C LEU A 164 12.05 -11.51 0.69
N ILE A 165 12.76 -10.63 1.39
CA ILE A 165 14.15 -10.34 1.08
C ILE A 165 15.07 -11.10 2.03
N GLU A 166 15.99 -11.88 1.47
CA GLU A 166 17.04 -12.50 2.28
C GLU A 166 18.37 -11.74 2.18
N ASP A 167 18.47 -10.84 1.20
CA ASP A 167 19.69 -10.06 1.00
C ASP A 167 19.37 -8.60 0.60
N ASN A 168 18.28 -8.07 1.15
CA ASN A 168 17.69 -6.80 0.70
C ASN A 168 17.90 -6.49 -0.79
N GLU A 169 17.33 -7.34 -1.64
CA GLU A 169 17.22 -7.05 -3.07
C GLU A 169 16.51 -8.15 -3.85
N PTR A 170 15.28 -7.86 -4.26
CA PTR A 170 14.56 -8.70 -5.23
C PTR A 170 14.70 -8.07 -6.62
O PTR A 170 14.65 -6.85 -6.77
CB PTR A 170 13.10 -8.91 -4.81
CG PTR A 170 12.18 -9.36 -5.93
CD1 PTR A 170 11.64 -10.65 -5.95
CD2 PTR A 170 11.80 -8.49 -6.95
CE1 PTR A 170 10.79 -11.05 -6.96
CE2 PTR A 170 10.96 -8.89 -7.96
CZ PTR A 170 10.45 -10.17 -7.97
OH PTR A 170 9.70 -10.50 -8.88
P PTR A 170 9.18 -12.02 -9.07
O1P PTR A 170 10.36 -12.91 -9.00
O2P PTR A 170 8.17 -12.38 -7.97
O3P PTR A 170 8.50 -12.16 -10.45
N THR A 171 14.91 -8.91 -7.63
CA THR A 171 15.09 -8.44 -8.99
C THR A 171 13.95 -8.93 -9.88
N ALA A 172 13.25 -7.99 -10.51
CA ALA A 172 12.11 -8.31 -11.36
C ALA A 172 12.55 -8.76 -12.75
N ARG A 173 11.60 -9.27 -13.54
CA ARG A 173 11.84 -9.59 -14.95
C ARG A 173 12.40 -8.38 -15.70
N GLU A 174 13.00 -8.63 -16.86
CA GLU A 174 13.59 -7.55 -17.67
C GLU A 174 12.53 -6.80 -18.47
N GLY A 175 11.33 -7.37 -18.56
CA GLY A 175 10.22 -6.71 -19.23
C GLY A 175 9.16 -6.17 -18.28
N ALA A 176 9.38 -6.34 -16.99
CA ALA A 176 8.42 -5.93 -15.96
C ALA A 176 8.23 -4.42 -15.93
N LYS A 177 6.98 -3.99 -15.79
CA LYS A 177 6.64 -2.57 -15.79
C LYS A 177 6.00 -2.15 -14.47
N PHE A 178 6.43 -1.00 -13.93
CA PHE A 178 5.83 -0.46 -12.71
C PHE A 178 5.49 1.02 -12.88
N PRO A 179 4.54 1.52 -12.07
CA PRO A 179 4.10 2.91 -12.12
C PRO A 179 5.30 3.84 -11.92
N ILE A 180 5.63 4.61 -12.94
CA ILE A 180 6.88 5.37 -12.98
C ILE A 180 6.97 6.48 -11.94
N LYS A 181 5.86 7.19 -11.73
CA LYS A 181 5.81 8.28 -10.76
C LYS A 181 5.91 7.84 -9.28
N TRP A 182 5.59 6.58 -9.00
CA TRP A 182 5.63 6.09 -7.63
C TRP A 182 6.89 5.28 -7.32
N THR A 183 7.67 4.98 -8.35
CA THR A 183 8.71 3.96 -8.25
C THR A 183 10.12 4.55 -8.33
N ALA A 184 11.00 4.10 -7.44
CA ALA A 184 12.38 4.58 -7.39
C ALA A 184 13.11 4.34 -8.72
N PRO A 185 14.03 5.25 -9.07
CA PRO A 185 14.85 5.13 -10.26
C PRO A 185 15.44 3.74 -10.44
N GLU A 186 16.04 3.18 -9.40
CA GLU A 186 16.79 1.94 -9.53
C GLU A 186 15.92 0.72 -9.85
N ALA A 187 14.67 0.74 -9.39
CA ALA A 187 13.71 -0.29 -9.73
C ALA A 187 13.18 -0.10 -11.15
N ILE A 188 13.04 1.15 -11.55
CA ILE A 188 12.67 1.51 -12.92
C ILE A 188 13.79 1.10 -13.87
N ASN A 189 15.03 1.50 -13.54
CA ASN A 189 16.15 1.30 -14.43
C ASN A 189 16.75 -0.11 -14.44
N TYR A 190 16.74 -0.78 -13.30
CA TYR A 190 17.46 -2.06 -13.16
C TYR A 190 16.62 -3.23 -12.66
N GLY A 191 15.38 -2.96 -12.27
CA GLY A 191 14.50 -4.01 -11.76
C GLY A 191 14.85 -4.39 -10.34
N THR A 192 15.68 -3.57 -9.70
CA THR A 192 16.20 -3.87 -8.37
C THR A 192 15.37 -3.17 -7.27
N PHE A 193 14.69 -3.97 -6.47
CA PHE A 193 13.83 -3.48 -5.39
C PHE A 193 14.42 -3.73 -3.99
N THR A 194 14.51 -2.67 -3.21
CA THR A 194 14.94 -2.77 -1.82
C THR A 194 13.85 -2.18 -0.94
N ILE A 195 14.05 -2.21 0.38
CA ILE A 195 13.12 -1.52 1.26
C ILE A 195 13.27 -0.02 1.06
N LYS A 196 14.43 0.39 0.50
CA LYS A 196 14.71 1.80 0.23
C LYS A 196 13.97 2.30 -1.01
N SER A 197 13.49 1.36 -1.82
CA SER A 197 12.62 1.70 -2.96
C SER A 197 11.24 2.04 -2.44
N ASP A 198 10.81 1.33 -1.40
CA ASP A 198 9.54 1.60 -0.74
C ASP A 198 9.58 2.98 -0.07
N VAL A 199 10.74 3.32 0.48
CA VAL A 199 10.94 4.63 1.11
C VAL A 199 10.76 5.76 0.10
N TRP A 200 11.29 5.58 -1.11
CA TRP A 200 11.11 6.56 -2.17
C TRP A 200 9.65 6.73 -2.55
N SER A 201 8.94 5.60 -2.61
CA SER A 201 7.51 5.59 -2.91
C SER A 201 6.71 6.23 -1.78
N PHE A 202 7.14 6.03 -0.54
CA PHE A 202 6.48 6.62 0.60
C PHE A 202 6.55 8.14 0.51
N GLY A 203 7.71 8.65 0.12
CA GLY A 203 7.89 10.08 -0.17
C GLY A 203 6.87 10.60 -1.18
N ILE A 204 6.63 9.83 -2.23
CA ILE A 204 5.61 10.21 -3.21
C ILE A 204 4.23 10.17 -2.57
N LEU A 205 3.98 9.13 -1.78
CA LEU A 205 2.72 8.97 -1.06
C LEU A 205 2.40 10.20 -0.19
N LEU A 206 3.41 10.74 0.48
CA LEU A 206 3.25 11.94 1.31
C LEU A 206 2.66 13.13 0.55
N THR A 207 2.90 13.17 -0.75
CA THR A 207 2.39 14.26 -1.57
C THR A 207 0.89 14.09 -1.82
N GLU A 208 0.49 12.87 -2.18
CA GLU A 208 -0.91 12.53 -2.38
C GLU A 208 -1.73 12.90 -1.15
N ILE A 209 -1.17 12.62 0.03
CA ILE A 209 -1.81 12.95 1.30
C ILE A 209 -2.04 14.45 1.42
N VAL A 210 -1.00 15.24 1.19
CA VAL A 210 -1.06 16.68 1.41
C VAL A 210 -1.92 17.39 0.36
N THR A 211 -2.07 16.75 -0.81
CA THR A 211 -2.85 17.30 -1.90
C THR A 211 -4.23 16.65 -2.02
N HIS A 212 -4.55 15.78 -1.07
CA HIS A 212 -5.82 15.02 -1.06
C HIS A 212 -6.05 14.13 -2.29
N GLY A 213 -5.04 13.35 -2.67
CA GLY A 213 -5.18 12.36 -3.73
C GLY A 213 -4.84 12.81 -5.14
N ARG A 214 -4.11 13.92 -5.26
CA ARG A 214 -3.73 14.44 -6.58
C ARG A 214 -2.59 13.63 -7.17
N ILE A 215 -2.51 13.61 -8.50
CA ILE A 215 -1.45 12.91 -9.22
C ILE A 215 -0.10 13.61 -9.03
N PRO A 216 0.93 12.86 -8.63
CA PRO A 216 2.26 13.44 -8.36
C PRO A 216 2.83 14.12 -9.60
N TYR A 217 3.80 15.00 -9.40
CA TYR A 217 4.43 15.72 -10.50
C TYR A 217 3.39 16.35 -11.43
N PRO A 218 2.60 17.28 -10.88
CA PRO A 218 1.52 17.92 -11.64
C PRO A 218 2.02 18.54 -12.94
N GLY A 219 1.39 18.18 -14.05
CA GLY A 219 1.65 18.80 -15.34
C GLY A 219 2.71 18.09 -16.15
N MET A 220 3.20 16.97 -15.62
CA MET A 220 4.34 16.27 -16.23
C MET A 220 3.99 14.87 -16.73
N THR A 221 4.56 14.51 -17.88
CA THR A 221 4.50 13.16 -18.41
C THR A 221 5.61 12.30 -17.80
N ASN A 222 5.46 10.98 -17.88
CA ASN A 222 6.49 10.07 -17.37
C ASN A 222 7.91 10.39 -17.85
N PRO A 223 8.10 10.63 -19.15
CA PRO A 223 9.42 10.99 -19.68
C PRO A 223 9.95 12.31 -19.12
N GLU A 224 9.07 13.24 -18.81
CA GLU A 224 9.47 14.50 -18.19
C GLU A 224 9.93 14.32 -16.76
N VAL A 225 9.30 13.37 -16.06
CA VAL A 225 9.67 13.09 -14.67
C VAL A 225 11.05 12.48 -14.62
N ILE A 226 11.28 11.49 -15.48
CA ILE A 226 12.57 10.83 -15.61
C ILE A 226 13.65 11.87 -15.85
N GLN A 227 13.43 12.69 -16.87
CA GLN A 227 14.42 13.67 -17.30
C GLN A 227 14.71 14.69 -16.20
N ASN A 228 13.65 15.20 -15.56
CA ASN A 228 13.82 16.14 -14.44
C ASN A 228 14.55 15.53 -13.26
N LEU A 229 14.16 14.31 -12.90
CA LEU A 229 14.82 13.60 -11.81
C LEU A 229 16.31 13.39 -12.09
N GLU A 230 16.66 13.16 -13.34
CA GLU A 230 18.04 12.91 -13.71
C GLU A 230 18.92 14.16 -13.66
N ARG A 231 18.29 15.34 -13.72
CA ARG A 231 19.00 16.60 -13.52
C ARG A 231 19.23 16.89 -12.04
N GLY A 232 18.64 16.10 -11.16
CA GLY A 232 18.75 16.34 -9.73
C GLY A 232 17.58 17.11 -9.14
N TYR A 233 16.60 17.43 -9.98
CA TYR A 233 15.34 18.00 -9.51
C TYR A 233 14.54 16.93 -8.79
N ARG A 234 13.65 17.38 -7.90
CA ARG A 234 12.58 16.53 -7.37
C ARG A 234 11.23 17.21 -7.55
N MET A 235 10.16 16.54 -7.15
CA MET A 235 8.82 17.10 -7.31
C MET A 235 8.80 18.50 -6.72
N VAL A 236 8.22 19.44 -7.46
CA VAL A 236 7.99 20.80 -6.98
C VAL A 236 7.14 20.75 -5.71
N ARG A 237 7.44 21.61 -4.75
CA ARG A 237 6.64 21.69 -3.52
C ARG A 237 5.15 21.76 -3.82
N PRO A 238 4.38 20.81 -3.29
CA PRO A 238 2.94 20.83 -3.47
C PRO A 238 2.32 22.03 -2.77
N ASP A 239 1.17 22.47 -3.27
CA ASP A 239 0.38 23.50 -2.57
C ASP A 239 0.03 23.04 -1.15
N ASN A 240 0.01 23.99 -0.22
CA ASN A 240 -0.37 23.72 1.17
C ASN A 240 0.42 22.57 1.80
N CYS A 241 1.73 22.55 1.57
CA CYS A 241 2.60 21.51 2.10
C CYS A 241 3.61 22.15 3.04
N PRO A 242 3.54 21.84 4.33
CA PRO A 242 4.53 22.39 5.25
C PRO A 242 5.94 22.10 4.77
N GLU A 243 6.81 23.10 4.87
CA GLU A 243 8.19 22.94 4.45
C GLU A 243 8.92 21.80 5.17
N GLU A 244 8.58 21.58 6.45
CA GLU A 244 9.15 20.44 7.20
C GLU A 244 8.89 19.11 6.50
N LEU A 245 7.62 18.83 6.21
CA LEU A 245 7.23 17.61 5.52
C LEU A 245 7.93 17.49 4.17
N TYR A 246 7.97 18.57 3.41
CA TYR A 246 8.61 18.54 2.11
C TYR A 246 10.08 18.11 2.22
N GLN A 247 10.73 18.50 3.32
CA GLN A 247 12.14 18.15 3.49
C GLN A 247 12.29 16.70 3.93
N LEU A 248 11.25 16.16 4.55
CA LEU A 248 11.20 14.73 4.84
C LEU A 248 10.92 13.94 3.55
N MET A 249 10.19 14.55 2.62
CA MET A 249 9.97 13.95 1.32
C MET A 249 11.29 13.85 0.57
N ARG A 250 12.07 14.92 0.64
CA ARG A 250 13.37 14.99 -0.01
C ARG A 250 14.35 13.94 0.51
N LEU A 251 14.32 13.66 1.81
CA LEU A 251 15.12 12.57 2.37
C LEU A 251 14.73 11.25 1.70
N CYS A 252 13.43 11.02 1.59
CA CYS A 252 12.91 9.84 0.92
C CYS A 252 13.41 9.69 -0.52
N TRP A 253 13.71 10.81 -1.17
CA TRP A 253 14.03 10.78 -2.59
C TRP A 253 15.54 10.95 -2.89
N LYS A 254 16.39 10.61 -1.92
CA LYS A 254 17.83 10.74 -2.13
C LYS A 254 18.32 9.82 -3.23
N GLU A 255 19.42 10.23 -3.87
CA GLU A 255 20.00 9.52 -5.02
C GLU A 255 20.40 8.08 -4.70
N ARG A 256 21.26 7.92 -3.69
CA ARG A 256 21.65 6.59 -3.23
C ARG A 256 20.59 5.96 -2.33
N PRO A 257 20.12 4.76 -2.70
CA PRO A 257 19.19 4.01 -1.87
C PRO A 257 19.58 4.02 -0.39
N GLU A 258 20.86 3.83 -0.10
CA GLU A 258 21.32 3.66 1.28
C GLU A 258 21.31 4.94 2.11
N ASP A 259 21.19 6.08 1.44
CA ASP A 259 21.19 7.39 2.09
C ASP A 259 19.79 7.79 2.55
N ARG A 260 18.80 7.09 2.01
CA ARG A 260 17.42 7.33 2.37
C ARG A 260 17.16 6.68 3.73
N PRO A 261 16.26 7.28 4.53
CA PRO A 261 16.02 6.85 5.91
C PRO A 261 15.23 5.54 6.02
N THR A 262 15.27 4.95 7.20
CA THR A 262 14.44 3.79 7.51
C THR A 262 13.03 4.25 7.80
N PHE A 263 12.08 3.32 7.76
CA PHE A 263 10.70 3.63 8.09
C PHE A 263 10.53 3.94 9.59
N ASP A 264 11.38 3.34 10.41
CA ASP A 264 11.41 3.66 11.84
C ASP A 264 11.71 5.15 12.07
N TYR A 265 12.72 5.67 11.39
CA TYR A 265 13.07 7.10 11.47
C TYR A 265 11.92 8.00 11.00
N LEU A 266 11.39 7.70 9.81
CA LEU A 266 10.25 8.42 9.25
C LEU A 266 9.06 8.39 10.21
N ARG A 267 8.81 7.22 10.80
CA ARG A 267 7.74 7.09 11.79
C ARG A 267 7.95 7.98 13.02
N SER A 268 9.17 7.99 13.55
CA SER A 268 9.44 8.83 14.72
C SER A 268 9.32 10.32 14.40
N VAL A 269 9.71 10.71 13.19
CA VAL A 269 9.68 12.12 12.82
C VAL A 269 8.25 12.63 12.66
N LEU A 270 7.41 11.84 12.01
CA LEU A 270 6.06 12.29 11.70
C LEU A 270 5.17 12.42 12.93
N GLU A 271 5.40 11.57 13.93
CA GLU A 271 4.72 11.72 15.22
C GLU A 271 5.14 13.00 15.93
N ASP A 272 6.40 13.37 15.77
CA ASP A 272 6.88 14.65 16.27
C ASP A 272 6.19 15.80 15.55
N PHE A 273 6.12 15.73 14.23
CA PHE A 273 5.44 16.76 13.44
C PHE A 273 4.00 16.92 13.91
N PHE A 274 3.37 15.79 14.22
CA PHE A 274 1.95 15.73 14.50
C PHE A 274 1.61 16.22 15.90
N THR A 275 2.42 15.85 16.88
CA THR A 275 2.21 16.32 18.25
C THR A 275 2.69 17.75 18.43
N ALA A 276 3.25 18.33 17.36
CA ALA A 276 3.69 19.72 17.39
C ALA A 276 2.62 20.64 16.80
N THR A 277 1.81 20.09 15.92
CA THR A 277 0.62 20.80 15.43
C THR A 277 -0.57 20.56 16.35
S SO4 B . -6.52 0.01 14.80
O1 SO4 B . -7.39 0.54 15.84
O2 SO4 B . -5.19 -0.25 15.33
O3 SO4 B . -6.38 1.00 13.73
O4 SO4 B . -7.11 -1.22 14.28
S SO4 C . 17.26 14.13 13.63
O1 SO4 C . 16.91 14.55 14.98
O2 SO4 C . 18.26 13.07 13.71
O3 SO4 C . 17.82 15.26 12.88
O4 SO4 C . 16.06 13.65 12.96
N1 KSK D . -9.82 -3.36 -0.86
C2 KSK D . -8.93 -3.53 -1.84
C3 KSK D . -7.85 -4.39 -1.62
C4 KSK D . -7.70 -5.07 -0.40
N5 KSK D . -8.62 -4.87 0.57
C6 KSK D . -9.63 -4.02 0.29
C7 KSK D . -10.77 -3.61 1.13
C8 KSK D . -11.53 -2.67 0.29
N9 KSK D . -10.97 -2.52 -0.94
C10 KSK D . -11.00 -4.06 2.53
O11 KSK D . -11.94 -3.57 3.13
N12 KSK D . -10.18 -4.95 3.09
N13 KSK D . -12.67 -2.09 0.75
C14 KSK D . -13.33 -1.06 0.16
C15 KSK D . -13.11 -0.68 -1.16
C16 KSK D . -13.84 0.39 -1.69
C17 KSK D . -14.79 1.04 -0.91
C18 KSK D . -15.00 0.66 0.42
C19 KSK D . -14.27 -0.40 0.94
O20 KSK D . -15.92 1.29 1.22
C21 KSK D . -16.42 2.58 0.87
O22 KSK D . -13.63 0.77 -2.98
C23 KSK D . -12.37 0.53 -3.61
C24 KSK D . -6.54 -5.97 -0.19
C25 KSK D . -7.03 -7.42 -0.09
N26 KSK D . -9.07 -2.89 -3.02
C27 KSK D . -7.92 -2.55 -3.83
C28 KSK D . -7.21 -1.27 -3.37
N29 KSK D . -6.15 -0.96 -4.34
C30 KSK D . -6.65 -6.66 1.18
C31 KSK D . -6.57 -1.44 -2.00
C32 KSK D . -8.16 -0.08 -3.34
#